data_6NGG
#
_entry.id   6NGG
#
_cell.length_a   44.662
_cell.length_b   54.060
_cell.length_c   92.604
_cell.angle_alpha   90.00
_cell.angle_beta   90.00
_cell.angle_gamma   90.00
#
_symmetry.space_group_name_H-M   'P 21 21 21'
#
loop_
_entity.id
_entity.type
_entity.pdbx_description
1 polymer 'CD160 antigen'
2 water water
#
_entity_poly.entity_id   1
_entity_poly.type   'polypeptide(L)'
_entity_poly.pdbx_seq_one_letter_code
;MINITSSASQEGTRLNLICTVWHKKEEAEGFVMFLCKDRSGDCSPETSLKQLRLKRDPGIDGVGEISSQLMFTISQVTPL
HSGTYQCCARSQKSGIRLQGHFFSILFTETGNYTVTGLK
;
_entity_poly.pdbx_strand_id   A,B
#
# COMPACT_ATOMS: atom_id res chain seq x y z
N MET A 1 -7.08 -11.83 -10.74
CA MET A 1 -6.54 -11.54 -9.42
C MET A 1 -5.24 -12.28 -9.27
N ILE A 2 -4.15 -11.58 -8.99
CA ILE A 2 -2.89 -12.25 -8.72
C ILE A 2 -2.61 -12.23 -7.25
N ASN A 3 -2.64 -11.04 -6.64
CA ASN A 3 -2.20 -10.87 -5.24
C ASN A 3 -2.87 -9.60 -4.63
N ILE A 4 -2.89 -9.52 -3.33
CA ILE A 4 -3.50 -8.39 -2.58
C ILE A 4 -2.44 -7.74 -1.75
N THR A 5 -2.27 -6.41 -1.83
CA THR A 5 -1.34 -5.71 -1.02
C THR A 5 -2.09 -4.84 -0.02
N SER A 6 -1.43 -4.56 1.07
CA SER A 6 -2.03 -3.82 2.19
C SER A 6 -1.24 -2.58 2.52
N SER A 7 -1.94 -1.50 2.79
CA SER A 7 -1.29 -0.28 3.17
C SER A 7 -2.17 0.61 4.06
N ALA A 8 -1.61 1.74 4.49
CA ALA A 8 -2.33 2.63 5.41
C ALA A 8 -1.82 4.04 5.21
N SER A 9 -2.70 5.06 5.33
CA SER A 9 -2.37 6.45 5.29
C SER A 9 -3.15 7.13 6.44
N GLN A 10 -2.66 8.26 6.92
CA GLN A 10 -3.34 8.94 8.01
C GLN A 10 -3.10 10.45 7.89
N GLU A 11 -4.04 11.20 8.44
CA GLU A 11 -4.00 12.66 8.45
C GLU A 11 -4.91 13.06 9.59
N GLY A 12 -4.45 13.97 10.43
CA GLY A 12 -5.22 14.36 11.59
C GLY A 12 -5.47 13.21 12.50
N THR A 13 -6.73 13.04 12.84
CA THR A 13 -7.15 11.94 13.66
C THR A 13 -7.63 10.70 12.86
N ARG A 14 -7.62 10.84 11.56
CA ARG A 14 -8.19 9.85 10.66
C ARG A 14 -7.10 8.85 10.18
N LEU A 15 -7.47 7.57 10.13
CA LEU A 15 -6.60 6.48 9.64
C LEU A 15 -7.33 5.75 8.52
N ASN A 16 -6.67 5.61 7.39
CA ASN A 16 -7.25 4.87 6.28
C ASN A 16 -6.56 3.52 6.08
N LEU A 17 -7.30 2.44 6.02
CA LEU A 17 -6.73 1.09 5.83
C LEU A 17 -7.05 0.72 4.40
N ILE A 18 -6.04 0.36 3.63
CA ILE A 18 -6.15 0.20 2.18
C ILE A 18 -5.77 -1.21 1.70
N CYS A 19 -6.67 -1.83 0.99
CA CYS A 19 -6.46 -3.13 0.35
C CYS A 19 -6.46 -2.97 -1.20
N THR A 20 -5.48 -3.58 -1.88
CA THR A 20 -5.30 -3.42 -3.32
C THR A 20 -5.09 -4.77 -3.93
N VAL A 21 -6.04 -5.14 -4.75
CA VAL A 21 -5.92 -6.32 -5.58
C VAL A 21 -5.28 -5.94 -6.90
N TRP A 22 -4.26 -6.68 -7.26
CA TRP A 22 -3.57 -6.55 -8.52
C TRP A 22 -4.03 -7.67 -9.45
N HIS A 23 -4.23 -7.30 -10.69
CA HIS A 23 -4.83 -8.18 -11.68
C HIS A 23 -4.47 -7.73 -13.07
N LYS A 24 -4.48 -8.66 -14.00
CA LYS A 24 -4.48 -8.30 -15.41
C LYS A 24 -5.56 -7.34 -15.77
N LYS A 25 -5.27 -6.56 -16.78
CA LYS A 25 -6.21 -5.59 -17.25
C LYS A 25 -7.55 -6.18 -17.69
N GLU A 26 -7.54 -7.39 -18.19
CA GLU A 26 -8.83 -8.00 -18.62
C GLU A 26 -9.48 -8.87 -17.53
N GLU A 27 -8.94 -8.84 -16.32
CA GLU A 27 -9.44 -9.69 -15.24
C GLU A 27 -9.79 -8.77 -14.06
N ALA A 28 -10.39 -7.64 -14.38
CA ALA A 28 -10.77 -6.63 -13.38
C ALA A 28 -12.12 -6.89 -12.72
N GLU A 29 -12.85 -7.89 -13.22
CA GLU A 29 -14.26 -7.99 -12.92
C GLU A 29 -14.48 -9.24 -12.14
N GLY A 30 -15.54 -9.25 -11.34
CA GLY A 30 -16.10 -10.49 -10.86
C GLY A 30 -15.49 -10.93 -9.54
N PHE A 31 -14.87 -10.03 -8.78
CA PHE A 31 -14.40 -10.38 -7.43
C PHE A 31 -14.93 -9.33 -6.45
N VAL A 32 -15.10 -9.73 -5.20
CA VAL A 32 -15.38 -8.83 -4.09
C VAL A 32 -14.15 -8.76 -3.19
N MET A 33 -13.86 -7.55 -2.74
CA MET A 33 -12.79 -7.23 -1.80
C MET A 33 -13.43 -6.96 -0.45
N PHE A 34 -12.73 -7.32 0.60
CA PHE A 34 -13.22 -7.07 1.96
C PHE A 34 -12.08 -7.09 2.99
N LEU A 35 -12.35 -6.46 4.11
CA LEU A 35 -11.36 -6.29 5.14
C LEU A 35 -12.00 -6.85 6.38
N CYS A 36 -11.29 -7.75 7.05
CA CYS A 36 -11.75 -8.35 8.31
C CYS A 36 -10.83 -8.02 9.49
N LYS A 37 -11.41 -8.00 10.69
CA LYS A 37 -10.76 -7.73 11.95
C LYS A 37 -10.92 -8.90 12.89
N ASP A 38 -9.82 -9.53 13.27
CA ASP A 38 -9.77 -10.54 14.38
C ASP A 38 -10.71 -11.69 14.21
N ARG A 39 -10.80 -12.21 13.00
CA ARG A 39 -11.56 -13.41 12.71
C ARG A 39 -10.66 -14.58 12.88
N SER A 40 -11.23 -15.72 13.21
CA SER A 40 -10.40 -16.92 13.22
C SER A 40 -11.02 -17.79 12.20
N GLY A 41 -10.56 -17.65 10.97
CA GLY A 41 -10.92 -18.59 9.88
C GLY A 41 -12.27 -18.43 9.24
N ASP A 42 -13.04 -17.40 9.61
CA ASP A 42 -14.35 -17.14 8.92
C ASP A 42 -14.44 -15.74 8.28
N CYS A 43 -13.32 -15.23 7.75
CA CYS A 43 -13.30 -13.93 7.11
C CYS A 43 -14.08 -14.08 5.81
N SER A 44 -15.13 -13.30 5.66
CA SER A 44 -15.94 -13.28 4.46
C SER A 44 -16.53 -11.91 4.30
N PRO A 45 -17.21 -11.69 3.18
CA PRO A 45 -17.92 -10.43 3.11
C PRO A 45 -18.95 -10.23 4.26
N GLU A 46 -19.59 -11.30 4.69
CA GLU A 46 -20.60 -11.18 5.77
C GLU A 46 -19.97 -10.85 7.14
N THR A 47 -18.72 -11.25 7.37
CA THR A 47 -18.04 -10.91 8.63
C THR A 47 -17.10 -9.71 8.55
N SER A 48 -17.12 -8.99 7.43
CA SER A 48 -16.15 -7.92 7.15
C SER A 48 -16.57 -6.62 7.73
N LEU A 49 -15.61 -5.76 8.00
CA LEU A 49 -15.90 -4.34 8.34
C LEU A 49 -16.35 -3.55 7.14
N LYS A 50 -15.91 -3.94 5.95
CA LYS A 50 -16.27 -3.26 4.74
C LYS A 50 -16.02 -4.18 3.52
N GLN A 51 -16.94 -4.20 2.56
CA GLN A 51 -16.75 -5.00 1.32
C GLN A 51 -17.00 -4.12 0.13
N LEU A 52 -16.52 -4.52 -1.04
CA LEU A 52 -16.68 -3.65 -2.19
C LEU A 52 -16.50 -4.44 -3.45
N ARG A 53 -17.47 -4.29 -4.36
CA ARG A 53 -17.35 -4.80 -5.76
C ARG A 53 -17.32 -3.57 -6.65
N LEU A 54 -16.26 -3.39 -7.39
CA LEU A 54 -16.01 -2.12 -8.01
C LEU A 54 -16.50 -2.11 -9.44
N LYS A 55 -17.24 -1.09 -9.84
CA LYS A 55 -17.59 -1.00 -11.25
C LYS A 55 -16.59 -0.08 -11.92
N ARG A 56 -16.22 -0.43 -13.15
CA ARG A 56 -14.97 0.07 -13.78
C ARG A 56 -15.11 1.16 -14.83
N ASP A 57 -16.13 1.93 -14.71
CA ASP A 57 -16.27 3.10 -15.51
C ASP A 57 -15.20 4.15 -15.09
N PRO A 58 -14.92 5.10 -16.04
CA PRO A 58 -14.11 6.23 -15.63
C PRO A 58 -14.86 7.15 -14.63
N GLY A 59 -14.11 7.87 -13.84
CA GLY A 59 -14.68 8.69 -12.83
C GLY A 59 -15.02 8.02 -11.52
N ILE A 60 -14.59 6.80 -11.28
CA ILE A 60 -14.90 6.15 -9.99
C ILE A 60 -13.59 5.91 -9.29
N ASP A 61 -13.53 6.23 -8.00
CA ASP A 61 -12.28 6.13 -7.23
C ASP A 61 -11.93 4.65 -7.03
N GLY A 62 -10.65 4.34 -7.04
CA GLY A 62 -10.12 3.01 -6.76
C GLY A 62 -9.88 2.15 -7.98
N VAL A 63 -10.22 2.67 -9.17
CA VAL A 63 -10.19 1.90 -10.42
C VAL A 63 -8.87 2.22 -11.12
N GLY A 64 -8.04 1.18 -11.22
CA GLY A 64 -6.76 1.21 -11.96
C GLY A 64 -6.80 0.22 -13.14
N GLU A 65 -5.85 0.40 -14.04
CA GLU A 65 -5.69 -0.47 -15.18
C GLU A 65 -5.39 -1.92 -14.77
N ILE A 66 -4.48 -2.12 -13.81
CA ILE A 66 -4.13 -3.48 -13.32
C ILE A 66 -4.39 -3.63 -11.83
N SER A 67 -5.24 -2.77 -11.25
CA SER A 67 -5.52 -2.83 -9.85
C SER A 67 -6.90 -2.29 -9.41
N SER A 68 -7.30 -2.73 -8.23
CA SER A 68 -8.57 -2.29 -7.67
C SER A 68 -8.37 -2.05 -6.19
N GLN A 69 -8.97 -0.97 -5.66
CA GLN A 69 -8.69 -0.58 -4.31
C GLN A 69 -9.91 -0.53 -3.43
N LEU A 70 -9.76 -0.99 -2.19
CA LEU A 70 -10.76 -0.81 -1.11
C LEU A 70 -10.15 0.01 0.03
N MET A 71 -10.86 1.05 0.47
CA MET A 71 -10.32 1.90 1.58
C MET A 71 -11.37 1.94 2.68
N PHE A 72 -10.96 1.50 3.88
CA PHE A 72 -11.78 1.57 5.06
C PHE A 72 -11.26 2.74 5.90
N THR A 73 -12.12 3.68 6.24
CA THR A 73 -11.69 4.87 6.97
C THR A 73 -12.20 4.84 8.41
N ILE A 74 -11.28 5.06 9.35
CA ILE A 74 -11.56 5.23 10.76
C ILE A 74 -11.41 6.75 11.04
N SER A 75 -12.49 7.43 11.41
CA SER A 75 -12.41 8.92 11.59
C SER A 75 -11.58 9.32 12.83
N GLN A 76 -11.70 8.55 13.90
CA GLN A 76 -10.97 8.69 15.10
C GLN A 76 -10.66 7.28 15.63
N VAL A 77 -9.40 6.98 15.84
CA VAL A 77 -9.03 5.66 16.33
C VAL A 77 -9.35 5.55 17.83
N THR A 78 -10.12 4.58 18.22
CA THR A 78 -10.40 4.24 19.64
C THR A 78 -9.95 2.79 19.99
N PRO A 79 -10.15 2.38 21.26
CA PRO A 79 -9.81 1.00 21.61
C PRO A 79 -10.58 -0.04 20.84
N LEU A 80 -11.79 0.27 20.40
CA LEU A 80 -12.50 -0.59 19.51
C LEU A 80 -11.68 -1.02 18.30
N HIS A 81 -10.78 -0.18 17.82
CA HIS A 81 -10.00 -0.50 16.60
C HIS A 81 -8.72 -1.31 16.76
N SER A 82 -8.28 -1.51 18.00
CA SER A 82 -7.12 -2.31 18.32
C SER A 82 -7.43 -3.72 17.90
N GLY A 83 -6.54 -4.32 17.15
CA GLY A 83 -6.60 -5.75 16.79
C GLY A 83 -5.86 -6.04 15.50
N THR A 84 -6.18 -7.19 14.90
CA THR A 84 -5.44 -7.78 13.82
C THR A 84 -6.40 -7.77 12.62
N TYR A 85 -5.91 -7.23 11.51
CA TYR A 85 -6.69 -7.06 10.32
C TYR A 85 -6.12 -7.85 9.13
N GLN A 86 -6.98 -8.12 8.17
CA GLN A 86 -6.60 -8.80 6.94
C GLN A 86 -7.51 -8.37 5.83
N CYS A 87 -6.87 -8.03 4.72
CA CYS A 87 -7.51 -7.78 3.41
C CYS A 87 -7.71 -9.13 2.72
N CYS A 88 -8.90 -9.35 2.14
CA CYS A 88 -9.18 -10.53 1.36
C CYS A 88 -9.96 -10.22 0.09
N ALA A 89 -9.95 -11.14 -0.85
CA ALA A 89 -10.85 -11.01 -2.01
C ALA A 89 -11.28 -12.36 -2.51
N ARG A 90 -12.44 -12.39 -3.14
CA ARG A 90 -13.06 -13.59 -3.57
C ARG A 90 -13.72 -13.45 -4.92
N SER A 91 -13.41 -14.34 -5.85
CA SER A 91 -14.15 -14.32 -7.12
C SER A 91 -15.38 -15.24 -7.05
N GLN A 92 -16.54 -14.71 -7.42
CA GLN A 92 -17.79 -15.49 -7.38
C GLN A 92 -17.67 -16.77 -8.21
N LYS A 93 -17.42 -16.59 -9.48
CA LYS A 93 -17.50 -17.67 -10.47
C LYS A 93 -16.58 -18.86 -10.24
N SER A 94 -15.30 -18.58 -10.02
CA SER A 94 -14.28 -19.60 -9.95
C SER A 94 -14.04 -20.06 -8.52
N GLY A 95 -14.55 -19.35 -7.52
CA GLY A 95 -14.37 -19.75 -6.14
C GLY A 95 -13.07 -19.31 -5.44
N ILE A 96 -12.13 -18.79 -6.19
CA ILE A 96 -10.81 -18.50 -5.64
C ILE A 96 -10.77 -17.33 -4.64
N ARG A 97 -9.92 -17.49 -3.61
CA ARG A 97 -9.72 -16.50 -2.59
C ARG A 97 -8.29 -16.02 -2.73
N LEU A 98 -8.04 -14.78 -2.36
CA LEU A 98 -6.68 -14.33 -2.12
C LEU A 98 -6.71 -13.68 -0.74
N GLN A 99 -5.61 -13.78 -0.02
CA GLN A 99 -5.54 -13.24 1.32
C GLN A 99 -4.34 -12.33 1.34
N GLY A 100 -4.44 -11.25 2.08
CA GLY A 100 -3.32 -10.44 2.38
C GLY A 100 -2.59 -10.88 3.61
N HIS A 101 -1.52 -10.18 3.95
CA HIS A 101 -0.80 -10.47 5.21
C HIS A 101 -1.52 -9.84 6.36
N PHE A 102 -1.33 -10.35 7.56
CA PHE A 102 -2.03 -9.80 8.74
C PHE A 102 -1.31 -8.55 9.17
N PHE A 103 -2.03 -7.50 9.62
CA PHE A 103 -1.38 -6.39 10.26
C PHE A 103 -2.13 -5.93 11.46
N SER A 104 -1.56 -5.05 12.27
CA SER A 104 -2.28 -4.70 13.53
C SER A 104 -2.26 -3.25 13.76
N ILE A 105 -3.36 -2.82 14.39
CA ILE A 105 -3.51 -1.53 14.97
C ILE A 105 -3.46 -1.72 16.49
N LEU A 106 -2.66 -0.89 17.16
CA LEU A 106 -2.67 -0.94 18.61
C LEU A 106 -2.98 0.45 19.19
N PHE A 107 -4.10 0.50 19.91
CA PHE A 107 -4.42 1.65 20.74
C PHE A 107 -3.57 1.61 22.02
N THR A 108 -2.91 2.74 22.29
CA THR A 108 -1.92 2.80 23.34
C THR A 108 -2.29 3.69 24.51
N GLY A 111 -3.77 7.43 24.36
CA GLY A 111 -4.90 7.56 23.44
C GLY A 111 -4.47 7.88 22.01
N ASN A 112 -3.28 7.38 21.67
CA ASN A 112 -2.65 7.38 20.33
C ASN A 112 -2.66 5.97 19.80
N TYR A 113 -2.03 5.71 18.66
CA TYR A 113 -1.98 4.36 18.09
C TYR A 113 -0.74 4.07 17.18
N THR A 114 -0.38 2.82 17.06
CA THR A 114 0.68 2.39 16.16
C THR A 114 0.03 1.43 15.15
N VAL A 115 0.61 1.38 13.95
CA VAL A 115 0.24 0.38 12.95
C VAL A 115 1.49 -0.41 12.68
N THR A 116 1.34 -1.73 12.69
CA THR A 116 2.45 -2.62 12.46
C THR A 116 2.07 -3.78 11.62
N GLY A 117 3.10 -4.40 11.09
CA GLY A 117 2.97 -5.55 10.25
C GLY A 117 2.74 -5.22 8.79
N LEU A 118 2.77 -3.95 8.42
CA LEU A 118 2.74 -3.59 6.99
C LEU A 118 4.17 -3.52 6.48
N MET B 1 12.38 8.01 13.22
CA MET B 1 11.71 7.13 12.23
C MET B 1 11.69 5.71 12.78
N ILE B 2 10.55 5.08 12.77
CA ILE B 2 10.42 3.79 13.37
C ILE B 2 10.54 2.80 12.24
N ASN B 3 9.79 2.96 11.17
CA ASN B 3 9.81 1.97 10.12
C ASN B 3 9.26 2.57 8.82
N ILE B 4 9.48 1.89 7.73
CA ILE B 4 9.10 2.41 6.41
C ILE B 4 8.24 1.33 5.76
N THR B 5 7.15 1.76 5.12
CA THR B 5 6.30 0.90 4.35
C THR B 5 6.23 1.38 2.87
N SER B 6 5.93 0.46 1.93
CA SER B 6 5.92 0.78 0.48
C SER B 6 4.60 0.31 -0.05
N SER B 7 4.07 1.04 -1.02
CA SER B 7 2.78 0.71 -1.55
C SER B 7 2.64 1.43 -2.87
N ALA B 8 1.60 1.09 -3.62
CA ALA B 8 1.30 1.78 -4.85
C ALA B 8 -0.22 1.92 -4.95
N SER B 9 -0.64 2.93 -5.70
CA SER B 9 -2.01 3.04 -6.09
C SER B 9 -2.08 3.46 -7.55
N GLN B 10 -3.26 3.32 -8.12
CA GLN B 10 -3.55 3.73 -9.47
C GLN B 10 -4.80 4.54 -9.60
N GLU B 11 -4.79 5.45 -10.55
CA GLU B 11 -5.99 6.17 -10.99
C GLU B 11 -5.94 5.98 -12.50
N GLY B 12 -6.71 5.02 -13.00
CA GLY B 12 -6.70 4.71 -14.40
C GLY B 12 -5.34 4.16 -14.77
N THR B 13 -4.68 4.81 -15.72
CA THR B 13 -3.37 4.31 -16.12
C THR B 13 -2.28 4.91 -15.24
N ARG B 14 -2.59 5.91 -14.43
CA ARG B 14 -1.57 6.60 -13.62
C ARG B 14 -1.14 5.67 -12.50
N LEU B 15 0.17 5.51 -12.29
CA LEU B 15 0.66 4.68 -11.19
C LEU B 15 1.46 5.55 -10.22
N ASN B 16 1.02 5.59 -8.96
CA ASN B 16 1.71 6.24 -7.90
C ASN B 16 2.54 5.27 -7.05
N LEU B 17 3.79 5.62 -6.84
CA LEU B 17 4.73 4.80 -6.02
C LEU B 17 4.84 5.51 -4.74
N ILE B 18 4.56 4.82 -3.64
CA ILE B 18 4.36 5.50 -2.35
C ILE B 18 5.26 4.92 -1.29
N CYS B 19 6.06 5.78 -0.67
CA CYS B 19 6.86 5.44 0.51
C CYS B 19 6.29 6.18 1.73
N THR B 20 6.28 5.54 2.86
CA THR B 20 5.69 6.08 4.10
C THR B 20 6.64 5.71 5.26
N VAL B 21 7.10 6.73 5.95
CA VAL B 21 7.81 6.55 7.19
C VAL B 21 6.83 6.75 8.35
N TRP B 22 6.86 5.83 9.26
CA TRP B 22 6.07 5.92 10.51
C TRP B 22 6.96 6.35 11.67
N HIS B 23 6.56 7.39 12.39
CA HIS B 23 7.33 7.95 13.49
C HIS B 23 6.46 8.12 14.75
N GLU B 29 15.57 13.18 15.19
CA GLU B 29 14.22 13.11 14.73
C GLU B 29 14.11 13.59 13.27
N GLY B 30 14.98 14.49 12.80
CA GLY B 30 15.10 14.84 11.38
C GLY B 30 15.48 13.61 10.56
N PHE B 31 15.02 13.53 9.32
CA PHE B 31 15.40 12.45 8.44
C PHE B 31 15.07 12.81 7.02
N VAL B 32 15.66 12.05 6.10
CA VAL B 32 15.46 12.18 4.70
C VAL B 32 14.82 10.87 4.23
N MET B 33 13.81 10.95 3.39
CA MET B 33 13.22 9.74 2.83
C MET B 33 13.30 9.87 1.30
N PHE B 34 13.44 8.76 0.59
CA PHE B 34 13.75 8.84 -0.84
C PHE B 34 13.40 7.54 -1.50
N LEU B 35 13.16 7.63 -2.80
CA LEU B 35 12.83 6.48 -3.66
C LEU B 35 13.93 6.35 -4.68
N CYS B 36 14.48 5.16 -4.77
CA CYS B 36 15.47 4.87 -5.82
C CYS B 36 15.02 3.72 -6.75
N LYS B 37 15.60 3.75 -7.95
CA LYS B 37 15.29 2.83 -9.00
C LYS B 37 16.62 2.26 -9.49
N ASP B 38 16.73 0.95 -9.37
CA ASP B 38 17.88 0.19 -9.93
C ASP B 38 19.17 0.62 -9.29
N ARG B 39 19.09 0.87 -8.00
CA ARG B 39 20.23 1.30 -7.18
C ARG B 39 20.39 0.41 -5.94
N SER B 40 20.23 -0.91 -6.12
CA SER B 40 19.98 -1.79 -4.97
C SER B 40 21.13 -1.91 -3.97
N GLY B 41 22.35 -1.49 -4.34
CA GLY B 41 23.49 -1.40 -3.39
C GLY B 41 23.87 -0.02 -2.85
N ASP B 42 23.52 1.06 -3.56
CA ASP B 42 23.97 2.45 -3.32
C ASP B 42 22.85 3.54 -3.47
N CYS B 43 21.67 3.25 -2.97
CA CYS B 43 20.58 4.21 -3.00
C CYS B 43 20.94 5.36 -2.03
N SER B 44 21.06 6.59 -2.51
CA SER B 44 21.15 7.75 -1.65
C SER B 44 20.18 8.83 -2.09
N PRO B 45 20.04 9.89 -1.28
CA PRO B 45 19.17 10.96 -1.77
C PRO B 45 19.62 11.55 -3.10
N GLU B 46 20.92 11.57 -3.33
CA GLU B 46 21.44 12.30 -4.47
C GLU B 46 21.11 11.59 -5.75
N THR B 47 21.11 10.26 -5.66
CA THR B 47 20.75 9.41 -6.75
C THR B 47 19.28 8.99 -6.78
N SER B 48 18.41 9.61 -5.99
CA SER B 48 17.01 9.18 -5.94
C SER B 48 16.17 9.79 -7.01
N LEU B 49 15.04 9.17 -7.28
CA LEU B 49 14.02 9.72 -8.14
C LEU B 49 13.33 10.85 -7.51
N LYS B 50 13.25 10.79 -6.19
CA LYS B 50 12.59 11.82 -5.44
C LYS B 50 12.91 11.68 -3.97
N GLN B 51 13.03 12.81 -3.30
CA GLN B 51 13.41 12.83 -1.86
C GLN B 51 12.57 13.85 -1.18
N LEU B 52 12.33 13.66 0.11
CA LEU B 52 11.67 14.63 0.97
C LEU B 52 12.38 14.64 2.32
N ARG B 53 12.73 15.85 2.77
CA ARG B 53 13.34 16.07 4.07
C ARG B 53 12.33 16.55 5.07
N LEU B 54 12.33 15.97 6.29
CA LEU B 54 11.60 16.54 7.44
C LEU B 54 12.53 16.90 8.58
N LYS B 55 12.38 18.10 9.15
CA LYS B 55 13.27 18.54 10.26
C LYS B 55 12.61 18.15 11.55
N GLU B 65 1.29 13.68 11.75
CA GLU B 65 2.33 13.72 12.78
C GLU B 65 2.85 12.30 13.14
N ILE B 66 2.11 11.22 12.85
CA ILE B 66 2.68 9.88 13.01
C ILE B 66 3.24 9.24 11.73
N SER B 67 3.06 9.86 10.56
CA SER B 67 3.66 9.39 9.33
C SER B 67 3.99 10.54 8.38
N SER B 68 4.91 10.29 7.47
CA SER B 68 5.21 11.18 6.40
C SER B 68 5.27 10.33 5.11
N GLN B 69 4.69 10.86 4.05
CA GLN B 69 4.49 10.12 2.83
C GLN B 69 5.22 10.86 1.73
N LEU B 70 5.82 10.07 0.84
CA LEU B 70 6.45 10.48 -0.40
C LEU B 70 5.84 9.77 -1.57
N MET B 71 5.41 10.52 -2.58
CA MET B 71 4.68 9.92 -3.73
C MET B 71 5.42 10.29 -5.04
N PHE B 72 5.72 9.29 -5.86
CA PHE B 72 6.30 9.50 -7.17
C PHE B 72 5.32 8.99 -8.20
N THR B 73 4.88 9.85 -9.09
CA THR B 73 3.83 9.48 -10.01
C THR B 73 4.31 9.19 -11.44
N ILE B 74 3.76 8.15 -12.08
CA ILE B 74 4.01 7.82 -13.47
C ILE B 74 2.67 7.98 -14.20
N SER B 75 2.56 8.91 -15.17
CA SER B 75 1.27 9.03 -15.93
C SER B 75 0.83 7.78 -16.72
N GLN B 76 1.78 7.19 -17.42
CA GLN B 76 1.60 5.92 -18.10
C GLN B 76 2.90 5.13 -17.94
N VAL B 77 2.77 3.86 -17.59
CA VAL B 77 3.92 3.00 -17.50
C VAL B 77 4.40 2.70 -18.93
N THR B 78 5.70 2.88 -19.13
CA THR B 78 6.37 2.62 -20.43
C THR B 78 7.60 1.81 -20.13
N PRO B 79 8.35 1.42 -21.19
CA PRO B 79 9.55 0.65 -20.90
C PRO B 79 10.54 1.37 -20.02
N LEU B 80 10.50 2.70 -20.03
CA LEU B 80 11.38 3.48 -19.20
C LEU B 80 11.22 3.18 -17.69
N HIS B 81 10.04 2.76 -17.29
CA HIS B 81 9.73 2.54 -15.88
C HIS B 81 10.00 1.13 -15.40
N SER B 82 10.34 0.24 -16.35
CA SER B 82 10.66 -1.13 -16.03
C SER B 82 11.90 -1.13 -15.15
N GLY B 83 11.90 -1.91 -14.10
CA GLY B 83 12.99 -1.96 -13.15
C GLY B 83 12.53 -2.17 -11.71
N THR B 84 13.49 -2.12 -10.81
CA THR B 84 13.31 -2.47 -9.43
C THR B 84 13.46 -1.22 -8.59
N TYR B 85 12.52 -1.03 -7.71
CA TYR B 85 12.41 0.15 -6.89
C TYR B 85 12.56 -0.13 -5.40
N GLN B 86 12.92 0.90 -4.63
CA GLN B 86 13.06 0.76 -3.17
C GLN B 86 12.89 2.07 -2.45
N CYS B 87 12.12 2.01 -1.38
CA CYS B 87 11.95 3.14 -0.46
C CYS B 87 13.02 3.05 0.59
N CYS B 88 13.66 4.19 0.89
CA CYS B 88 14.78 4.27 1.83
C CYS B 88 14.64 5.56 2.67
N ALA B 89 15.27 5.55 3.84
CA ALA B 89 15.28 6.73 4.71
C ALA B 89 16.51 6.68 5.53
N ARG B 90 16.97 7.87 5.92
CA ARG B 90 18.21 8.04 6.69
C ARG B 90 17.95 9.08 7.79
N SER B 91 18.25 8.72 9.06
CA SER B 91 18.24 9.73 10.14
C SER B 91 19.29 10.81 9.95
N GLN B 92 18.86 12.06 10.11
CA GLN B 92 19.76 13.17 10.01
C GLN B 92 20.57 13.30 11.24
N LYS B 93 20.14 12.71 12.34
CA LYS B 93 20.92 12.67 13.54
C LYS B 93 22.03 11.60 13.50
N SER B 94 21.64 10.36 13.33
CA SER B 94 22.49 9.22 13.52
C SER B 94 23.05 8.63 12.27
N GLY B 95 22.51 9.01 11.11
CA GLY B 95 22.70 8.30 9.87
C GLY B 95 22.22 6.85 9.79
N ILE B 96 21.52 6.34 10.80
CA ILE B 96 20.93 5.03 10.72
C ILE B 96 19.98 4.98 9.48
N ARG B 97 20.01 3.86 8.74
CA ARG B 97 19.34 3.65 7.45
C ARG B 97 18.11 2.77 7.65
N LEU B 98 17.00 3.15 7.04
CA LEU B 98 15.83 2.26 6.95
C LEU B 98 15.63 1.86 5.49
N GLN B 99 15.24 0.61 5.20
CA GLN B 99 15.07 0.16 3.82
C GLN B 99 13.76 -0.64 3.66
N GLY B 100 12.97 -0.36 2.62
CA GLY B 100 11.76 -1.13 2.37
C GLY B 100 12.13 -2.38 1.62
N HIS B 101 11.16 -3.21 1.29
CA HIS B 101 11.37 -4.32 0.39
C HIS B 101 11.45 -3.87 -1.06
N PHE B 102 12.27 -4.53 -1.89
CA PHE B 102 12.25 -4.17 -3.31
C PHE B 102 10.94 -4.53 -3.94
N PHE B 103 10.51 -3.67 -4.85
CA PHE B 103 9.38 -3.96 -5.67
C PHE B 103 9.66 -3.57 -7.08
N SER B 104 9.04 -4.25 -8.03
CA SER B 104 9.38 -4.08 -9.43
C SER B 104 8.22 -3.76 -10.31
N ILE B 105 8.53 -3.01 -11.34
CA ILE B 105 7.61 -2.86 -12.47
C ILE B 105 8.20 -3.66 -13.61
N LEU B 106 7.41 -4.52 -14.21
CA LEU B 106 7.91 -5.33 -15.27
C LEU B 106 7.09 -5.00 -16.46
N PHE B 107 7.71 -4.51 -17.51
CA PHE B 107 6.96 -4.12 -18.70
C PHE B 107 7.23 -5.19 -19.74
N THR B 108 6.14 -5.80 -20.19
CA THR B 108 6.12 -6.78 -21.27
C THR B 108 5.63 -6.02 -22.46
N ASN B 112 0.42 -6.37 -20.43
CA ASN B 112 1.20 -5.16 -20.57
C ASN B 112 2.29 -5.05 -19.48
N TYR B 113 1.93 -4.65 -18.25
CA TYR B 113 2.94 -4.47 -17.19
C TYR B 113 2.39 -5.00 -15.88
N THR B 114 3.29 -5.32 -14.94
CA THR B 114 2.92 -5.81 -13.61
C THR B 114 3.71 -5.07 -12.57
N VAL B 115 3.16 -5.04 -11.38
CA VAL B 115 3.85 -4.56 -10.23
C VAL B 115 3.97 -5.64 -9.21
N THR B 116 5.20 -6.01 -8.91
CA THR B 116 5.42 -7.11 -7.99
C THR B 116 6.33 -6.67 -6.84
N GLY B 117 6.29 -7.44 -5.76
CA GLY B 117 7.19 -7.33 -4.62
C GLY B 117 6.62 -6.51 -3.48
N LEU B 118 5.48 -5.88 -3.70
CA LEU B 118 4.81 -5.20 -2.65
C LEU B 118 4.04 -6.24 -1.93
N LYS B 119 3.95 -6.09 -0.62
CA LYS B 119 3.01 -6.91 0.13
C LYS B 119 2.38 -6.19 1.34
#